data_5OCY
#
_entry.id   5OCY
#
_cell.length_a   46.130
_cell.length_b   99.048
_cell.length_c   100.330
_cell.angle_alpha   90.00
_cell.angle_beta   90.00
_cell.angle_gamma   90.00
#
_symmetry.space_group_name_H-M   'P 21 21 21'
#
loop_
_entity.id
_entity.type
_entity.pdbx_description
1 polymer 'ACPA E4 Fab fragment - heavy chain'
2 polymer 'ACPA E4 Fab fragment - light chain'
3 polymer CII-C-48-CIT
4 water water
#
loop_
_entity_poly.entity_id
_entity_poly.type
_entity_poly.pdbx_seq_one_letter_code
_entity_poly.pdbx_strand_id
1 'polypeptide(L)'
;QVQLEESGPGLVRPSETLSLSCTVSGFPMSESYFWGWIRQSPGKGLEWLGSVIHTGTTYYRPSLESRLTIAMDPSKNQVS
LSLTSVTVADSAMYYCVRIRGGSSNWLDPWGPGIVVTASSAKTTPPSVYPLAPGCGDTTGSSVTLGCLVKGYFPESVTVT
WNSGSLSSSVHTFPALLQSGLYTMSSSVTVPSSTWPSQTVTCSVAHPASSTTVDKKIEPR
;
H
2 'polypeptide(L)'
;(PCA)SVWTQPPSVSAAPGQKVTISCSGDDSILRSAFVSWYQQVPGSAPKLVIFDDRQRPSGIPARFSGSNSGTTATLDI
AGLQRGDEADYYCAAWNGRLSAFVFGSGTKLTVLGQPKSSPSVTLFPPSSEELETNKATLVCTITDFYPGVVTVDWKVDG
TPVTQGMETTQPSKQSNNKYMASSYLTLTARAWERHSSYSCQVTHEGHTVEKSLSRADCS
;
L
3 'polypeptide(L)' CEAGEPGE(CIR)GLKGHRGCA C
#
# COMPACT_ATOMS: atom_id res chain seq x y z
N GLN A 1 26.66 1.13 15.87
CA GLN A 1 25.95 0.45 14.73
C GLN A 1 25.65 1.42 13.58
N VAL A 2 25.47 0.84 12.39
CA VAL A 2 25.20 1.61 11.17
C VAL A 2 23.74 2.10 11.24
N GLN A 3 23.52 3.42 11.17
CA GLN A 3 22.18 4.02 11.33
C GLN A 3 21.95 5.13 10.26
N LEU A 4 20.75 5.13 9.67
CA LEU A 4 20.38 6.12 8.65
C LEU A 4 19.14 6.87 9.11
N GLU A 5 19.14 8.19 8.98
CA GLU A 5 17.97 8.97 9.33
C GLU A 5 17.58 9.96 8.25
N GLU A 6 16.33 9.88 7.80
CA GLU A 6 15.78 10.77 6.79
C GLU A 6 15.17 12.04 7.43
N SER A 7 15.33 13.17 6.73
CA SER A 7 14.63 14.40 7.09
C SER A 7 14.18 15.15 5.85
N GLY A 8 13.18 16.00 6.05
CA GLY A 8 12.64 16.83 5.00
C GLY A 8 11.22 17.22 5.38
N PRO A 9 10.48 17.82 4.44
CA PRO A 9 9.10 18.17 4.73
C PRO A 9 8.19 16.94 4.71
N GLY A 10 7.28 16.87 5.67
CA GLY A 10 6.16 15.94 5.64
C GLY A 10 4.99 16.33 4.74
N LEU A 11 4.85 17.62 4.43
CA LEU A 11 3.77 18.10 3.55
C LEU A 11 4.35 19.09 2.53
N VAL A 12 4.15 18.81 1.25
CA VAL A 12 4.61 19.71 0.17
C VAL A 12 3.48 19.93 -0.78
N ARG A 13 3.52 21.10 -1.40
CA ARG A 13 2.50 21.49 -2.35
C ARG A 13 2.85 20.95 -3.71
N PRO A 14 1.86 20.41 -4.43
CA PRO A 14 2.18 20.04 -5.82
C PRO A 14 2.71 21.20 -6.64
N SER A 15 3.60 20.85 -7.59
CA SER A 15 4.41 21.76 -8.42
C SER A 15 5.69 22.28 -7.76
N GLU A 16 5.79 22.17 -6.43
CA GLU A 16 6.98 22.55 -5.67
C GLU A 16 8.00 21.42 -5.73
N THR A 17 9.18 21.68 -5.23
CA THR A 17 10.25 20.72 -5.22
C THR A 17 10.33 20.00 -3.88
N LEU A 18 10.46 18.68 -3.90
CA LEU A 18 10.63 17.89 -2.67
C LEU A 18 12.12 17.77 -2.40
N SER A 19 12.57 18.26 -1.26
CA SER A 19 13.98 18.14 -0.87
C SER A 19 14.10 17.28 0.37
N LEU A 20 14.70 16.11 0.22
CA LEU A 20 14.99 15.21 1.34
C LEU A 20 16.50 15.08 1.52
N SER A 21 16.91 14.77 2.74
CA SER A 21 18.28 14.43 3.01
C SER A 21 18.31 13.32 4.02
N CYS A 22 19.45 12.67 4.09
CA CYS A 22 19.64 11.51 4.92
C CYS A 22 21.00 11.63 5.66
N THR A 23 20.98 11.37 6.96
CA THR A 23 22.18 11.44 7.79
C THR A 23 22.63 10.03 8.14
N VAL A 24 23.89 9.71 7.81
CA VAL A 24 24.50 8.41 8.14
C VAL A 24 25.35 8.51 9.41
N SER A 25 25.23 7.51 10.28
CA SER A 25 25.99 7.44 11.53
C SER A 25 26.65 6.09 11.68
N GLY A 26 27.86 6.09 12.22
CA GLY A 26 28.58 4.86 12.49
C GLY A 26 29.08 4.17 11.23
N PHE A 27 29.19 4.88 10.12
CA PHE A 27 29.75 4.30 8.88
C PHE A 27 30.12 5.42 7.91
N PRO A 28 31.37 5.41 7.40
CA PRO A 28 31.78 6.44 6.43
C PRO A 28 31.26 6.17 5.03
N MET A 29 30.89 7.25 4.33
CA MET A 29 30.37 7.19 2.96
C MET A 29 31.49 7.10 1.91
N SER A 30 32.75 7.14 2.36
CA SER A 30 33.92 6.97 1.52
C SER A 30 34.24 5.50 1.23
N GLU A 31 33.56 4.57 1.91
CA GLU A 31 33.64 3.17 1.54
C GLU A 31 32.91 2.92 0.24
N SER A 32 33.21 1.79 -0.38
CA SER A 32 32.66 1.48 -1.70
C SER A 32 31.28 0.87 -1.58
N TYR A 33 30.33 1.75 -1.22
CA TYR A 33 28.91 1.46 -1.13
C TYR A 33 28.16 2.63 -1.76
N PHE A 34 27.03 2.33 -2.40
CA PHE A 34 26.15 3.36 -2.89
C PHE A 34 25.20 3.79 -1.79
N TRP A 35 24.66 5.00 -1.94
CA TRP A 35 23.66 5.55 -1.02
C TRP A 35 22.45 5.99 -1.85
N GLY A 36 21.27 5.49 -1.51
CA GLY A 36 20.12 5.60 -2.39
C GLY A 36 18.79 5.86 -1.70
N TRP A 37 17.75 5.97 -2.53
CA TRP A 37 16.44 6.32 -2.07
C TRP A 37 15.44 5.33 -2.64
N ILE A 38 14.56 4.84 -1.78
CA ILE A 38 13.47 3.96 -2.16
C ILE A 38 12.23 4.64 -1.65
N ARG A 39 11.10 4.44 -2.32
CA ARG A 39 9.82 4.91 -1.81
C ARG A 39 8.77 3.82 -1.88
N GLN A 40 7.78 3.96 -1.03
CA GLN A 40 6.70 3.01 -0.88
C GLN A 40 5.44 3.79 -0.70
N SER A 41 4.57 3.74 -1.69
CA SER A 41 3.31 4.45 -1.66
C SER A 41 2.33 3.63 -0.78
N PRO A 42 1.46 4.31 0.01
CA PRO A 42 0.61 3.56 0.98
C PRO A 42 -0.18 2.39 0.41
N GLY A 43 -0.11 1.25 1.10
CA GLY A 43 -0.80 0.02 0.68
C GLY A 43 -0.31 -0.55 -0.63
N LYS A 44 0.95 -0.28 -0.94
CA LYS A 44 1.55 -0.61 -2.23
C LYS A 44 3.04 -0.97 -2.07
N GLY A 45 3.70 -1.22 -3.22
CA GLY A 45 5.03 -1.79 -3.28
C GLY A 45 6.18 -0.79 -3.22
N LEU A 46 7.37 -1.32 -3.46
CA LEU A 46 8.61 -0.59 -3.28
C LEU A 46 9.07 -0.10 -4.63
N GLU A 47 9.63 1.10 -4.67
CA GLU A 47 10.02 1.73 -5.94
C GLU A 47 11.39 2.40 -5.76
N TRP A 48 12.41 1.79 -6.37
CA TRP A 48 13.77 2.33 -6.37
C TRP A 48 13.79 3.63 -7.14
N LEU A 49 14.28 4.69 -6.50
CA LEU A 49 14.37 6.02 -7.11
C LEU A 49 15.74 6.28 -7.71
N GLY A 50 16.78 5.83 -7.01
CA GLY A 50 18.15 6.01 -7.49
C GLY A 50 19.16 5.92 -6.37
N SER A 51 20.42 6.17 -6.74
CA SER A 51 21.55 6.01 -5.84
C SER A 51 22.83 6.67 -6.37
N VAL A 52 23.76 6.94 -5.45
CA VAL A 52 25.01 7.63 -5.75
C VAL A 52 26.13 7.08 -4.85
N ILE A 53 27.36 7.15 -5.35
CA ILE A 53 28.55 6.68 -4.65
C ILE A 53 29.53 7.86 -4.61
N HIS A 54 30.46 7.83 -3.65
CA HIS A 54 31.41 8.92 -3.44
C HIS A 54 32.24 9.34 -4.66
N THR A 55 32.38 8.47 -5.67
CA THR A 55 33.10 8.87 -6.88
C THR A 55 32.35 9.89 -7.73
N GLY A 56 31.03 10.00 -7.52
CA GLY A 56 30.17 10.85 -8.36
C GLY A 56 29.24 10.07 -9.27
N THR A 57 29.44 8.74 -9.41
CA THR A 57 28.58 7.92 -10.28
C THR A 57 27.16 7.83 -9.71
N THR A 58 26.17 8.03 -10.58
CA THR A 58 24.79 8.13 -10.15
C THR A 58 23.91 7.31 -11.07
N TYR A 59 22.90 6.67 -10.48
CA TYR A 59 21.89 5.93 -11.24
C TYR A 59 20.54 6.43 -10.79
N TYR A 60 19.61 6.56 -11.75
CA TYR A 60 18.27 7.02 -11.46
C TYR A 60 17.23 6.05 -12.01
N ARG A 61 16.05 6.04 -11.37
CA ARG A 61 14.82 5.50 -11.96
C ARG A 61 14.53 6.23 -13.28
N PRO A 62 14.51 5.51 -14.43
CA PRO A 62 14.28 6.15 -15.74
C PRO A 62 12.97 6.97 -15.89
N SER A 63 11.88 6.51 -15.28
CA SER A 63 10.63 7.29 -15.28
C SER A 63 10.80 8.68 -14.67
N LEU A 64 11.64 8.80 -13.64
CA LEU A 64 11.80 10.02 -12.87
C LEU A 64 13.12 10.73 -13.07
N GLU A 65 13.99 10.23 -13.95
CA GLU A 65 15.35 10.78 -14.07
C GLU A 65 15.35 12.27 -14.40
N SER A 66 14.51 12.69 -15.33
CA SER A 66 14.44 14.11 -15.70
C SER A 66 14.08 15.06 -14.56
N ARG A 67 13.36 14.54 -13.56
CA ARG A 67 12.92 15.35 -12.41
C ARG A 67 13.79 15.13 -11.15
N LEU A 68 14.70 14.15 -11.20
CA LEU A 68 15.44 13.72 -10.00
C LEU A 68 16.87 14.22 -10.00
N THR A 69 17.35 14.59 -8.82
CA THR A 69 18.76 14.85 -8.55
C THR A 69 19.06 14.21 -7.21
N ILE A 70 20.04 13.31 -7.21
CA ILE A 70 20.50 12.63 -6.03
C ILE A 70 22.01 12.86 -5.89
N ALA A 71 22.42 13.36 -4.74
CA ALA A 71 23.80 13.78 -4.53
C ALA A 71 24.24 13.41 -3.14
N MET A 72 25.54 13.52 -2.93
CA MET A 72 26.18 13.02 -1.74
C MET A 72 27.20 14.07 -1.28
N ASP A 73 27.19 14.32 0.02
CA ASP A 73 28.23 15.07 0.69
C ASP A 73 28.85 14.16 1.75
N PRO A 74 30.00 13.54 1.44
CA PRO A 74 30.66 12.62 2.39
C PRO A 74 31.19 13.28 3.68
N SER A 75 31.66 14.53 3.60
CA SER A 75 32.13 15.26 4.79
C SER A 75 31.02 15.44 5.82
N LYS A 76 29.79 15.66 5.36
CA LYS A 76 28.68 15.88 6.28
C LYS A 76 27.87 14.61 6.58
N ASN A 77 28.36 13.45 6.13
CA ASN A 77 27.63 12.18 6.20
C ASN A 77 26.19 12.26 5.64
N GLN A 78 26.06 12.92 4.49
CA GLN A 78 24.74 13.19 3.91
C GLN A 78 24.57 12.71 2.47
N VAL A 79 23.46 12.02 2.23
CA VAL A 79 22.96 11.82 0.87
C VAL A 79 21.68 12.64 0.76
N SER A 80 21.36 13.13 -0.45
CA SER A 80 20.14 13.94 -0.65
C SER A 80 19.34 13.54 -1.88
N LEU A 81 18.09 13.98 -1.90
CA LEU A 81 17.16 13.79 -3.02
C LEU A 81 16.40 15.06 -3.30
N SER A 82 16.32 15.43 -4.56
CA SER A 82 15.50 16.55 -4.99
C SER A 82 14.61 16.08 -6.14
N LEU A 83 13.29 16.22 -5.99
CA LEU A 83 12.32 15.81 -7.03
C LEU A 83 11.45 17.01 -7.45
N THR A 84 11.63 17.51 -8.67
CA THR A 84 10.91 18.71 -9.12
C THR A 84 9.45 18.42 -9.51
N SER A 85 8.64 19.48 -9.46
CA SER A 85 7.22 19.45 -9.81
C SER A 85 6.48 18.29 -9.17
N VAL A 86 6.41 18.30 -7.84
CA VAL A 86 5.81 17.21 -7.08
C VAL A 86 4.37 17.03 -7.51
N THR A 87 3.95 15.79 -7.67
CA THR A 87 2.57 15.42 -8.06
C THR A 87 1.92 14.77 -6.83
N VAL A 88 0.59 14.74 -6.76
CA VAL A 88 -0.16 13.90 -5.78
C VAL A 88 0.23 12.41 -5.73
N ALA A 89 0.59 11.86 -6.87
CA ALA A 89 1.13 10.51 -6.98
C ALA A 89 2.49 10.31 -6.33
N ASP A 90 3.16 11.39 -5.92
CA ASP A 90 4.46 11.28 -5.24
C ASP A 90 4.37 11.17 -3.73
N SER A 91 3.15 11.14 -3.18
CA SER A 91 2.94 10.84 -1.76
C SER A 91 3.35 9.39 -1.46
N ALA A 92 4.29 9.24 -0.54
CA ALA A 92 4.83 7.94 -0.15
C ALA A 92 5.65 8.02 1.12
N MET A 93 5.96 6.86 1.69
CA MET A 93 7.07 6.75 2.64
C MET A 93 8.39 6.78 1.85
N TYR A 94 9.35 7.58 2.29
CA TYR A 94 10.64 7.66 1.62
C TYR A 94 11.74 7.09 2.52
N TYR A 95 12.44 6.07 2.03
CA TYR A 95 13.52 5.42 2.75
C TYR A 95 14.86 5.75 2.14
N CYS A 96 15.82 6.05 3.00
CA CYS A 96 17.23 6.12 2.69
C CYS A 96 17.81 4.70 2.86
N VAL A 97 18.76 4.29 2.01
CA VAL A 97 19.43 2.96 2.14
C VAL A 97 20.90 2.96 1.75
N ARG A 98 21.68 2.10 2.41
CA ARG A 98 23.00 1.72 1.96
C ARG A 98 22.91 0.56 0.98
N ILE A 99 23.56 0.72 -0.17
CA ILE A 99 23.55 -0.29 -1.21
C ILE A 99 24.96 -0.80 -1.53
N ARG A 100 25.16 -2.10 -1.37
CA ARG A 100 26.31 -2.75 -1.98
C ARG A 100 26.01 -2.90 -3.45
N GLY A 101 26.82 -2.24 -4.28
CA GLY A 101 26.60 -2.22 -5.72
C GLY A 101 27.29 -3.37 -6.44
N GLY A 102 28.03 -3.06 -7.49
CA GLY A 102 28.55 -4.08 -8.40
C GLY A 102 27.40 -4.90 -8.95
N SER A 103 27.51 -6.22 -8.82
CA SER A 103 26.44 -7.14 -9.24
C SER A 103 25.61 -7.66 -8.06
N SER A 104 25.99 -7.29 -6.85
CA SER A 104 25.25 -7.69 -5.68
C SER A 104 23.94 -6.89 -5.55
N ASN A 105 24.00 -5.56 -5.46
CA ASN A 105 22.78 -4.73 -5.35
C ASN A 105 21.85 -5.18 -4.21
N TRP A 106 22.40 -5.33 -3.00
CA TRP A 106 21.59 -5.51 -1.78
C TRP A 106 21.50 -4.22 -0.94
N LEU A 107 20.39 -4.11 -0.21
CA LEU A 107 20.05 -2.89 0.50
C LEU A 107 20.07 -3.19 1.98
N ASP A 108 21.03 -2.62 2.69
CA ASP A 108 21.14 -2.85 4.14
C ASP A 108 22.16 -1.90 4.71
N PRO A 109 21.82 -1.06 5.70
CA PRO A 109 20.49 -1.01 6.34
C PRO A 109 19.60 0.03 5.70
N TRP A 110 18.41 0.17 6.27
CA TRP A 110 17.37 1.07 5.78
C TRP A 110 17.07 2.05 6.89
N GLY A 111 16.89 3.32 6.52
CA GLY A 111 16.38 4.28 7.49
C GLY A 111 14.99 3.84 7.94
N PRO A 112 14.49 4.41 9.04
CA PRO A 112 13.14 4.09 9.46
C PRO A 112 12.07 4.61 8.49
N GLY A 113 12.40 5.66 7.74
CA GLY A 113 11.53 6.20 6.72
C GLY A 113 10.85 7.48 7.15
N ILE A 114 10.51 8.30 6.14
CA ILE A 114 9.87 9.59 6.32
C ILE A 114 8.60 9.69 5.44
N VAL A 115 7.45 9.94 6.06
CA VAL A 115 6.19 10.07 5.34
C VAL A 115 6.14 11.44 4.67
N VAL A 116 5.97 11.44 3.35
CA VAL A 116 5.80 12.64 2.58
C VAL A 116 4.40 12.63 1.96
N THR A 117 3.62 13.69 2.24
CA THR A 117 2.27 13.84 1.69
C THR A 117 2.26 15.04 0.73
N ALA A 118 1.79 14.80 -0.49
CA ALA A 118 1.69 15.87 -1.51
C ALA A 118 0.23 16.27 -1.67
N SER A 119 -0.10 17.49 -1.24
CA SER A 119 -1.50 17.96 -1.24
C SER A 119 -1.52 19.48 -1.26
N SER A 120 -2.35 20.04 -2.13
CA SER A 120 -2.57 21.48 -2.20
C SER A 120 -3.65 21.96 -1.22
N ALA A 121 -4.29 21.03 -0.51
CA ALA A 121 -5.44 21.36 0.32
C ALA A 121 -5.11 22.12 1.61
N LYS A 122 -6.03 23.02 1.97
CA LYS A 122 -6.08 23.67 3.27
C LYS A 122 -6.67 22.69 4.27
N THR A 123 -6.49 22.90 5.57
CA THR A 123 -7.28 22.15 6.57
C THR A 123 -8.76 22.18 6.17
N THR A 124 -9.34 21.02 5.92
CA THR A 124 -10.69 20.92 5.38
C THR A 124 -11.50 19.91 6.17
N PRO A 125 -12.65 20.32 6.75
CA PRO A 125 -13.50 19.34 7.44
C PRO A 125 -14.21 18.40 6.45
N PRO A 126 -14.60 17.19 6.90
CA PRO A 126 -15.22 16.20 6.00
C PRO A 126 -16.67 16.50 5.67
N SER A 127 -17.07 16.17 4.45
CA SER A 127 -18.47 16.03 4.12
C SER A 127 -18.87 14.61 4.48
N VAL A 128 -20.05 14.47 5.08
CA VAL A 128 -20.50 13.21 5.63
C VAL A 128 -21.80 12.78 4.94
N TYR A 129 -21.69 11.71 4.15
CA TYR A 129 -22.80 11.21 3.34
C TYR A 129 -23.26 9.87 3.90
N PRO A 130 -24.60 9.65 4.01
CA PRO A 130 -25.11 8.40 4.57
C PRO A 130 -25.03 7.23 3.59
N LEU A 131 -24.78 6.04 4.13
CA LEU A 131 -24.80 4.81 3.36
C LEU A 131 -25.93 3.94 3.90
N ALA A 132 -26.85 3.60 3.00
CA ALA A 132 -28.03 2.84 3.33
C ALA A 132 -28.44 1.92 2.18
N PRO A 133 -29.07 0.78 2.52
CA PRO A 133 -29.51 -0.15 1.48
C PRO A 133 -30.70 0.39 0.69
N THR A 139 -34.63 -6.97 3.28
CA THR A 139 -34.75 -8.34 2.82
C THR A 139 -33.66 -9.23 3.45
N GLY A 140 -33.59 -9.21 4.79
CA GLY A 140 -32.59 -9.98 5.56
C GLY A 140 -32.71 -9.74 7.06
N SER A 141 -32.27 -10.70 7.87
CA SER A 141 -32.53 -10.68 9.35
C SER A 141 -31.74 -9.63 10.17
N SER A 142 -30.67 -9.09 9.60
CA SER A 142 -29.96 -7.93 10.16
C SER A 142 -29.49 -7.05 9.00
N VAL A 143 -29.16 -5.79 9.30
CA VAL A 143 -28.90 -4.75 8.29
C VAL A 143 -27.64 -3.94 8.59
N THR A 144 -26.93 -3.54 7.53
CA THR A 144 -25.71 -2.73 7.62
C THR A 144 -25.88 -1.37 6.98
N LEU A 145 -25.61 -0.35 7.77
CA LEU A 145 -25.62 1.04 7.33
C LEU A 145 -24.20 1.55 7.42
N GLY A 146 -24.00 2.76 6.93
CA GLY A 146 -22.68 3.36 7.03
C GLY A 146 -22.66 4.85 6.92
N CYS A 147 -21.44 5.35 6.99
CA CYS A 147 -21.19 6.76 7.00
C CYS A 147 -19.97 6.95 6.12
N LEU A 148 -20.16 7.58 4.96
CA LEU A 148 -19.07 7.91 4.03
C LEU A 148 -18.49 9.29 4.37
N VAL A 149 -17.18 9.36 4.63
CA VAL A 149 -16.56 10.57 5.16
C VAL A 149 -15.49 11.04 4.19
N LYS A 150 -15.85 12.03 3.38
CA LYS A 150 -15.18 12.32 2.10
C LYS A 150 -14.55 13.71 2.08
N GLY A 151 -13.38 13.81 1.46
CA GLY A 151 -12.79 15.10 1.14
C GLY A 151 -12.31 15.97 2.29
N TYR A 152 -11.76 15.35 3.34
CA TYR A 152 -11.14 16.07 4.49
C TYR A 152 -9.61 16.07 4.48
N PHE A 153 -9.02 16.97 5.25
CA PHE A 153 -7.57 17.09 5.37
C PHE A 153 -7.22 17.90 6.61
N PRO A 154 -6.19 17.52 7.38
CA PRO A 154 -5.46 16.26 7.26
C PRO A 154 -6.15 15.20 8.10
N GLU A 155 -5.52 14.03 8.23
CA GLU A 155 -6.01 13.00 9.17
C GLU A 155 -5.89 13.54 10.60
N SER A 156 -6.62 13.00 11.58
CA SER A 156 -7.56 11.89 11.47
C SER A 156 -8.98 12.33 11.78
N VAL A 157 -9.92 11.40 11.57
CA VAL A 157 -11.28 11.53 12.05
C VAL A 157 -11.59 10.33 12.94
N THR A 158 -12.48 10.51 13.91
CA THR A 158 -13.11 9.42 14.66
C THR A 158 -14.60 9.41 14.33
N VAL A 159 -15.15 8.21 14.17
CA VAL A 159 -16.58 8.04 13.94
C VAL A 159 -17.16 7.23 15.09
N THR A 160 -18.33 7.64 15.55
CA THR A 160 -18.96 7.08 16.74
C THR A 160 -20.45 6.99 16.44
N TRP A 161 -21.05 5.85 16.75
CA TRP A 161 -22.45 5.63 16.45
C TRP A 161 -23.30 5.59 17.73
N ASN A 162 -24.56 5.99 17.60
CA ASN A 162 -25.56 5.85 18.64
C ASN A 162 -26.73 5.11 18.00
N SER A 163 -26.85 3.82 18.33
CA SER A 163 -27.87 2.91 17.75
C SER A 163 -28.98 2.59 18.77
N SER A 168 -24.52 -4.50 18.68
CA SER A 168 -24.17 -3.70 17.51
C SER A 168 -22.66 -3.74 17.20
N SER A 169 -22.34 -4.17 15.98
CA SER A 169 -20.95 -4.37 15.54
C SER A 169 -20.51 -3.27 14.57
N VAL A 170 -19.48 -2.52 14.95
CA VAL A 170 -18.97 -1.37 14.20
C VAL A 170 -17.71 -1.71 13.40
N HIS A 171 -17.63 -1.25 12.15
CA HIS A 171 -16.42 -1.36 11.34
C HIS A 171 -15.91 0.01 10.90
N THR A 172 -14.74 0.40 11.41
CA THR A 172 -14.07 1.64 11.04
C THR A 172 -12.98 1.36 10.02
N PHE A 173 -13.24 1.67 8.76
CA PHE A 173 -12.28 1.45 7.69
C PHE A 173 -11.19 2.52 7.69
N PRO A 174 -9.95 2.14 7.33
CA PRO A 174 -8.89 3.13 7.27
C PRO A 174 -9.03 4.08 6.09
N ALA A 175 -8.35 5.20 6.19
CA ALA A 175 -8.51 6.28 5.24
C ALA A 175 -7.65 6.08 4.00
N LEU A 176 -8.12 6.64 2.90
CA LEU A 176 -7.42 6.63 1.63
C LEU A 176 -7.12 8.05 1.28
N LEU A 177 -5.88 8.31 0.87
CA LEU A 177 -5.51 9.60 0.29
C LEU A 177 -5.90 9.55 -1.17
N GLN A 178 -6.87 10.37 -1.55
CA GLN A 178 -7.37 10.46 -2.94
C GLN A 178 -7.21 11.89 -3.43
N SER A 179 -6.25 12.11 -4.35
CA SER A 179 -6.10 13.39 -5.03
C SER A 179 -5.97 14.54 -4.03
N GLY A 180 -5.13 14.33 -3.01
CA GLY A 180 -4.88 15.32 -1.96
C GLY A 180 -5.83 15.37 -0.76
N LEU A 181 -6.96 14.67 -0.82
CA LEU A 181 -7.93 14.67 0.29
C LEU A 181 -8.18 13.25 0.79
N TYR A 182 -8.42 13.10 2.08
CA TYR A 182 -8.68 11.79 2.66
C TYR A 182 -10.17 11.38 2.53
N THR A 183 -10.38 10.07 2.42
CA THR A 183 -11.70 9.44 2.40
C THR A 183 -11.66 8.18 3.30
N MET A 184 -12.61 8.04 4.20
CA MET A 184 -12.76 6.82 4.97
C MET A 184 -14.24 6.48 5.09
N SER A 185 -14.50 5.27 5.57
CA SER A 185 -15.85 4.77 5.84
C SER A 185 -15.99 4.26 7.26
N SER A 186 -17.21 4.29 7.77
CA SER A 186 -17.58 3.55 8.97
C SER A 186 -18.85 2.78 8.65
N SER A 187 -18.96 1.56 9.15
CA SER A 187 -20.22 0.83 9.04
C SER A 187 -20.63 0.30 10.39
N VAL A 188 -21.94 0.18 10.59
CA VAL A 188 -22.52 -0.50 11.75
C VAL A 188 -23.58 -1.49 11.26
N THR A 189 -23.63 -2.66 11.88
CA THR A 189 -24.61 -3.70 11.52
C THR A 189 -25.52 -3.99 12.72
N VAL A 190 -26.82 -4.03 12.46
CA VAL A 190 -27.85 -4.13 13.50
C VAL A 190 -29.03 -5.00 13.05
N PRO A 191 -29.87 -5.48 13.99
CA PRO A 191 -31.05 -6.26 13.57
C PRO A 191 -32.07 -5.42 12.81
N SER A 192 -32.76 -6.05 11.86
CA SER A 192 -33.69 -5.36 10.96
C SER A 192 -34.96 -4.81 11.64
N SER A 193 -35.32 -5.36 12.79
CA SER A 193 -36.40 -4.81 13.62
C SER A 193 -36.00 -3.50 14.31
N THR A 194 -34.70 -3.34 14.63
CA THR A 194 -34.17 -2.10 15.23
C THR A 194 -34.19 -0.90 14.27
N TRP A 195 -33.99 -1.13 12.97
CA TRP A 195 -33.95 -0.03 11.98
C TRP A 195 -34.79 -0.38 10.73
N PRO A 196 -35.68 0.53 10.26
CA PRO A 196 -35.75 1.97 10.67
C PRO A 196 -36.37 2.33 12.03
N SER A 197 -37.00 1.37 12.72
CA SER A 197 -37.70 1.63 13.99
C SER A 197 -36.93 2.54 14.97
N GLN A 198 -35.87 2.04 15.60
CA GLN A 198 -34.93 2.85 16.40
C GLN A 198 -33.84 3.41 15.46
N THR A 199 -33.79 4.75 15.32
CA THR A 199 -32.93 5.41 14.33
C THR A 199 -31.44 5.43 14.72
N VAL A 200 -30.60 5.58 13.70
CA VAL A 200 -29.15 5.36 13.82
C VAL A 200 -28.36 6.54 13.23
N THR A 201 -27.31 6.95 13.96
CA THR A 201 -26.60 8.22 13.69
C THR A 201 -25.09 8.12 13.92
N CYS A 202 -24.30 8.43 12.88
CA CYS A 202 -22.84 8.61 13.04
C CYS A 202 -22.57 10.03 13.51
N SER A 203 -21.55 10.16 14.36
CA SER A 203 -21.00 11.45 14.74
C SER A 203 -19.52 11.44 14.33
N VAL A 204 -19.18 12.33 13.38
CA VAL A 204 -17.85 12.41 12.79
C VAL A 204 -17.10 13.61 13.36
N ALA A 205 -15.99 13.37 14.06
CA ALA A 205 -15.17 14.42 14.65
C ALA A 205 -13.88 14.60 13.84
N HIS A 206 -13.55 15.85 13.51
CA HIS A 206 -12.28 16.17 12.83
C HIS A 206 -11.49 17.23 13.63
N PRO A 207 -10.70 16.80 14.65
CA PRO A 207 -9.96 17.66 15.58
C PRO A 207 -9.15 18.79 14.97
N ALA A 208 -8.48 18.53 13.84
CA ALA A 208 -7.68 19.57 13.17
C ALA A 208 -8.52 20.74 12.60
N SER A 209 -9.74 20.46 12.17
CA SER A 209 -10.69 21.53 11.82
C SER A 209 -11.54 21.91 13.03
N SER A 210 -11.41 21.13 14.11
CA SER A 210 -12.20 21.31 15.32
C SER A 210 -13.72 21.38 14.99
N THR A 211 -14.19 20.45 14.15
CA THR A 211 -15.60 20.31 13.83
C THR A 211 -16.10 18.96 14.30
N THR A 212 -17.42 18.83 14.36
CA THR A 212 -18.10 17.57 14.62
C THR A 212 -19.43 17.55 13.89
N VAL A 213 -19.55 16.70 12.86
CA VAL A 213 -20.77 16.58 12.05
C VAL A 213 -21.50 15.28 12.40
N ASP A 214 -22.83 15.36 12.53
CA ASP A 214 -23.68 14.18 12.71
C ASP A 214 -24.48 13.93 11.43
N LYS A 215 -24.95 12.70 11.25
CA LYS A 215 -25.83 12.36 10.13
C LYS A 215 -26.73 11.19 10.53
N LYS A 216 -28.04 11.43 10.61
CA LYS A 216 -29.00 10.33 10.74
C LYS A 216 -29.08 9.64 9.40
N ILE A 217 -29.11 8.31 9.41
CA ILE A 217 -29.17 7.51 8.16
C ILE A 217 -30.65 7.17 7.89
N GLU A 218 -31.11 7.52 6.68
CA GLU A 218 -32.52 7.36 6.27
C GLU A 218 -32.73 6.21 5.27
N PRO A 219 -33.94 5.58 5.31
CA PRO A 219 -34.32 4.62 4.25
C PRO A 219 -34.64 5.32 2.92
N ARG A 220 -34.50 4.58 1.82
CA ARG A 220 -34.57 5.18 0.48
C ARG A 220 -35.93 5.00 -0.18
N PCA B 1 10.55 -6.65 -17.12
CA PCA B 1 9.45 -5.84 -16.66
CB PCA B 1 8.46 -6.85 -16.05
CG PCA B 1 9.36 -8.03 -15.73
CD PCA B 1 10.56 -7.88 -16.61
OE PCA B 1 11.43 -8.74 -16.82
C PCA B 1 9.87 -4.78 -15.64
O PCA B 1 10.98 -4.84 -15.10
N SER B 2 8.96 -3.86 -15.38
CA SER B 2 9.14 -2.79 -14.40
C SER B 2 8.99 -3.29 -12.97
N VAL B 3 8.33 -4.43 -12.79
CA VAL B 3 8.05 -4.99 -11.49
C VAL B 3 8.09 -6.51 -11.63
N TRP B 4 8.84 -7.18 -10.74
CA TRP B 4 8.91 -8.65 -10.77
C TRP B 4 7.59 -9.17 -10.25
N THR B 5 7.26 -10.38 -10.68
CA THR B 5 5.97 -10.98 -10.38
C THR B 5 6.10 -11.94 -9.18
N GLN B 6 5.42 -11.60 -8.10
CA GLN B 6 5.22 -12.49 -6.97
C GLN B 6 3.72 -12.79 -6.78
N PRO B 7 3.41 -13.93 -6.15
CA PRO B 7 2.01 -14.14 -5.80
C PRO B 7 1.60 -13.24 -4.62
N PRO B 8 0.41 -12.64 -4.67
CA PRO B 8 0.01 -11.76 -3.57
C PRO B 8 -0.04 -12.41 -2.17
N SER B 9 -0.53 -13.65 -2.08
CA SER B 9 -0.71 -14.35 -0.82
C SER B 9 -0.05 -15.72 -0.86
N VAL B 10 0.66 -16.07 0.20
CA VAL B 10 0.98 -17.46 0.50
C VAL B 10 0.79 -17.65 2.01
N SER B 11 0.30 -18.82 2.39
CA SER B 11 0.05 -19.12 3.79
C SER B 11 0.25 -20.59 4.13
N ALA B 12 0.52 -20.83 5.41
CA ALA B 12 0.75 -22.17 5.93
C ALA B 12 0.75 -22.12 7.45
N ALA B 13 0.48 -23.27 8.08
CA ALA B 13 0.43 -23.37 9.55
C ALA B 13 1.83 -23.18 10.15
N PRO B 14 1.92 -22.86 11.47
CA PRO B 14 3.26 -22.87 12.10
C PRO B 14 3.92 -24.25 12.02
N GLY B 15 5.24 -24.29 11.85
CA GLY B 15 5.98 -25.56 11.64
C GLY B 15 6.15 -26.01 10.19
N GLN B 16 5.24 -25.57 9.31
CA GLN B 16 5.26 -25.94 7.89
C GLN B 16 6.29 -25.14 7.05
N LYS B 17 6.30 -25.40 5.74
CA LYS B 17 7.21 -24.76 4.78
C LYS B 17 6.44 -23.99 3.69
N VAL B 18 6.94 -22.83 3.29
CA VAL B 18 6.39 -22.07 2.16
C VAL B 18 7.47 -21.59 1.22
N THR B 19 7.09 -21.48 -0.05
CA THR B 19 7.92 -20.95 -1.12
C THR B 19 7.27 -19.65 -1.62
N ILE B 20 8.02 -18.56 -1.59
CA ILE B 20 7.59 -17.32 -2.24
C ILE B 20 8.43 -17.17 -3.50
N SER B 21 7.78 -17.02 -4.66
CA SER B 21 8.49 -16.98 -5.94
C SER B 21 8.50 -15.59 -6.55
N CYS B 22 9.41 -15.41 -7.49
CA CYS B 22 9.74 -14.11 -8.05
C CYS B 22 10.23 -14.34 -9.48
N SER B 23 9.61 -13.67 -10.46
CA SER B 23 10.04 -13.88 -11.85
C SER B 23 9.90 -12.66 -12.72
N GLY B 24 10.64 -12.67 -13.83
CA GLY B 24 10.57 -11.65 -14.84
C GLY B 24 10.34 -12.26 -16.20
N ASP B 25 10.57 -11.46 -17.22
CA ASP B 25 10.47 -11.91 -18.59
C ASP B 25 11.53 -13.01 -18.80
N ASP B 26 11.10 -14.07 -19.49
CA ASP B 26 11.94 -15.21 -19.86
C ASP B 26 12.85 -15.67 -18.71
N SER B 27 14.16 -15.53 -18.85
CA SER B 27 15.13 -15.98 -17.86
C SER B 27 16.03 -14.82 -17.44
N ILE B 28 15.47 -13.61 -17.41
CA ILE B 28 16.20 -12.37 -17.08
C ILE B 28 16.91 -12.42 -15.73
N LEU B 29 16.28 -13.06 -14.76
CA LEU B 29 16.82 -13.15 -13.39
C LEU B 29 18.15 -13.89 -13.26
N ARG B 30 18.45 -14.75 -14.23
CA ARG B 30 19.72 -15.45 -14.27
C ARG B 30 20.93 -14.48 -14.32
N SER B 31 20.75 -13.33 -14.99
CA SER B 31 21.82 -12.34 -15.12
C SER B 31 22.12 -11.49 -13.88
N ALA B 32 21.32 -11.62 -12.83
CA ALA B 32 21.43 -10.73 -11.68
C ALA B 32 21.44 -11.53 -10.40
N PHE B 33 21.92 -10.90 -9.34
CA PHE B 33 21.79 -11.41 -7.97
C PHE B 33 20.50 -10.87 -7.35
N VAL B 34 19.67 -11.78 -6.87
CA VAL B 34 18.39 -11.42 -6.26
C VAL B 34 18.64 -11.21 -4.78
N SER B 35 17.93 -10.23 -4.22
CA SER B 35 17.88 -10.03 -2.80
C SER B 35 16.43 -10.12 -2.36
N TRP B 36 16.21 -10.38 -1.07
CA TRP B 36 14.85 -10.48 -0.52
C TRP B 36 14.73 -9.64 0.74
N TYR B 37 13.57 -9.02 0.95
CA TYR B 37 13.36 -8.13 2.09
C TYR B 37 12.07 -8.47 2.83
N GLN B 38 12.18 -8.48 4.15
CA GLN B 38 11.04 -8.72 5.02
C GLN B 38 10.55 -7.36 5.54
N GLN B 39 9.24 -7.13 5.49
CA GLN B 39 8.68 -5.90 6.02
C GLN B 39 7.50 -6.19 6.94
N VAL B 40 7.65 -5.89 8.22
CA VAL B 40 6.53 -6.00 9.16
C VAL B 40 5.79 -4.65 9.25
N PRO B 41 4.45 -4.67 9.44
CA PRO B 41 3.70 -3.41 9.57
C PRO B 41 4.32 -2.47 10.59
N GLY B 42 4.57 -1.22 10.17
CA GLY B 42 5.18 -0.20 11.04
C GLY B 42 6.68 -0.03 10.84
N SER B 43 7.33 -1.01 10.21
CA SER B 43 8.80 -0.98 10.05
C SER B 43 9.20 -0.84 8.59
N ALA B 44 10.49 -0.56 8.41
CA ALA B 44 11.12 -0.56 7.12
C ALA B 44 11.42 -2.01 6.73
N PRO B 45 11.66 -2.27 5.43
CA PRO B 45 12.21 -3.53 4.96
C PRO B 45 13.52 -3.91 5.65
N LYS B 46 13.64 -5.21 5.96
CA LYS B 46 14.87 -5.79 6.49
C LYS B 46 15.41 -6.78 5.44
N LEU B 47 16.71 -6.72 5.16
CA LEU B 47 17.32 -7.72 4.28
C LEU B 47 17.29 -9.10 4.96
N VAL B 48 16.83 -10.12 4.23
CA VAL B 48 16.88 -11.50 4.74
C VAL B 48 17.63 -12.51 3.87
N ILE B 49 17.77 -12.22 2.56
CA ILE B 49 18.61 -12.98 1.65
C ILE B 49 19.23 -12.02 0.63
N PHE B 50 20.50 -12.26 0.31
CA PHE B 50 21.23 -11.48 -0.67
C PHE B 50 22.11 -12.41 -1.51
N ASP B 51 22.58 -11.90 -2.65
CA ASP B 51 23.29 -12.70 -3.66
C ASP B 51 22.63 -14.07 -3.89
N ASP B 52 21.35 -14.05 -4.21
CA ASP B 52 20.53 -15.26 -4.51
C ASP B 52 20.20 -16.16 -3.32
N ARG B 53 21.22 -16.55 -2.54
CA ARG B 53 21.07 -17.54 -1.46
C ARG B 53 21.85 -17.31 -0.15
N GLN B 54 22.50 -16.16 0.02
CA GLN B 54 23.27 -15.87 1.22
C GLN B 54 22.42 -15.23 2.30
N ARG B 55 22.62 -15.69 3.54
CA ARG B 55 21.92 -15.14 4.71
C ARG B 55 22.81 -14.15 5.45
N PRO B 56 22.28 -12.96 5.76
CA PRO B 56 23.05 -12.07 6.62
C PRO B 56 23.01 -12.55 8.05
N SER B 57 23.97 -12.08 8.84
CA SER B 57 24.08 -12.41 10.27
C SER B 57 22.75 -12.13 10.98
N GLY B 58 22.24 -13.11 11.71
CA GLY B 58 20.97 -12.99 12.41
C GLY B 58 19.85 -13.75 11.73
N ILE B 59 20.01 -14.14 10.46
CA ILE B 59 18.94 -14.85 9.75
C ILE B 59 19.17 -16.36 9.90
N PRO B 60 18.12 -17.08 10.33
CA PRO B 60 18.27 -18.51 10.57
C PRO B 60 18.26 -19.32 9.27
N ALA B 61 18.94 -20.47 9.31
CA ALA B 61 19.13 -21.28 8.13
C ALA B 61 17.86 -21.94 7.59
N ARG B 62 16.77 -21.90 8.33
CA ARG B 62 15.49 -22.32 7.79
C ARG B 62 14.93 -21.37 6.69
N PHE B 63 15.45 -20.14 6.64
CA PHE B 63 15.26 -19.24 5.49
C PHE B 63 16.30 -19.65 4.46
N SER B 64 15.89 -19.85 3.20
CA SER B 64 16.83 -20.08 2.14
C SER B 64 16.36 -19.45 0.83
N GLY B 65 17.28 -19.28 -0.12
CA GLY B 65 16.96 -18.68 -1.39
C GLY B 65 17.60 -19.39 -2.56
N SER B 66 17.04 -19.19 -3.75
CA SER B 66 17.61 -19.70 -4.97
C SER B 66 17.17 -18.89 -6.17
N ASN B 67 17.98 -18.96 -7.23
CA ASN B 67 17.78 -18.26 -8.46
C ASN B 67 18.04 -19.22 -9.62
N SER B 68 17.00 -19.95 -10.00
CA SER B 68 17.00 -20.79 -11.20
C SER B 68 17.04 -20.01 -12.52
N GLY B 69 16.76 -18.70 -12.49
CA GLY B 69 16.95 -17.83 -13.66
C GLY B 69 15.64 -17.43 -14.32
N THR B 70 14.75 -18.41 -14.48
CA THR B 70 13.37 -18.13 -14.81
C THR B 70 12.69 -17.59 -13.57
N THR B 71 12.85 -18.32 -12.46
CA THR B 71 12.17 -18.03 -11.21
C THR B 71 13.13 -18.03 -10.03
N ALA B 72 13.16 -16.96 -9.26
CA ALA B 72 13.84 -16.95 -7.98
C ALA B 72 12.85 -17.28 -6.88
N THR B 73 13.35 -17.78 -5.76
CA THR B 73 12.51 -18.22 -4.68
C THR B 73 13.09 -17.86 -3.32
N LEU B 74 12.18 -17.63 -2.37
CA LEU B 74 12.50 -17.51 -0.96
C LEU B 74 11.71 -18.62 -0.28
N ASP B 75 12.41 -19.48 0.43
CA ASP B 75 11.83 -20.65 1.02
C ASP B 75 12.04 -20.52 2.52
N ILE B 76 10.94 -20.50 3.28
CA ILE B 76 10.98 -20.37 4.75
C ILE B 76 10.34 -21.61 5.36
N ALA B 77 11.15 -22.38 6.09
CA ALA B 77 10.70 -23.57 6.78
C ALA B 77 10.54 -23.32 8.28
N GLY B 78 9.83 -24.25 8.95
CA GLY B 78 9.59 -24.19 10.40
C GLY B 78 8.96 -22.88 10.83
N LEU B 79 7.89 -22.51 10.10
CA LEU B 79 7.21 -21.23 10.23
C LEU B 79 6.88 -20.92 11.65
N GLN B 80 7.23 -19.70 12.06
CA GLN B 80 6.88 -19.16 13.37
C GLN B 80 6.03 -17.92 13.21
N ARG B 81 5.36 -17.54 14.29
CA ARG B 81 4.52 -16.35 14.33
C ARG B 81 5.22 -15.12 13.73
N GLY B 82 6.46 -14.89 14.14
CA GLY B 82 7.25 -13.73 13.69
C GLY B 82 7.67 -13.67 12.23
N ASP B 83 7.47 -14.76 11.48
CA ASP B 83 7.70 -14.76 10.03
C ASP B 83 6.54 -14.15 9.20
N GLU B 84 5.39 -13.88 9.83
CA GLU B 84 4.26 -13.27 9.15
C GLU B 84 4.56 -11.81 8.77
N ALA B 85 4.75 -11.56 7.49
CA ALA B 85 5.16 -10.26 7.00
C ALA B 85 5.00 -10.19 5.49
N ASP B 86 5.27 -9.01 4.94
CA ASP B 86 5.36 -8.83 3.49
C ASP B 86 6.78 -9.15 3.09
N TYR B 87 6.94 -9.83 1.96
CA TYR B 87 8.25 -10.13 1.42
C TYR B 87 8.33 -9.63 -0.02
N TYR B 88 9.43 -8.93 -0.31
CA TYR B 88 9.69 -8.34 -1.61
C TYR B 88 10.99 -8.93 -2.12
N CYS B 89 10.99 -9.42 -3.36
CA CYS B 89 12.22 -9.73 -4.04
C CYS B 89 12.73 -8.48 -4.73
N ALA B 90 14.00 -8.51 -5.12
CA ALA B 90 14.61 -7.38 -5.81
C ALA B 90 15.82 -7.82 -6.60
N ALA B 91 16.06 -7.14 -7.71
CA ALA B 91 17.21 -7.44 -8.55
C ALA B 91 17.47 -6.32 -9.57
N TRP B 92 18.70 -6.17 -10.03
CA TRP B 92 18.99 -5.27 -11.14
C TRP B 92 18.41 -5.80 -12.45
N ASN B 93 17.87 -4.91 -13.27
CA ASN B 93 17.33 -5.24 -14.59
C ASN B 93 18.15 -4.41 -15.57
N GLY B 94 19.03 -5.07 -16.31
CA GLY B 94 19.94 -4.41 -17.22
C GLY B 94 19.32 -3.99 -18.54
N ARG B 95 18.11 -4.49 -18.80
CA ARG B 95 17.38 -4.11 -20.02
C ARG B 95 16.73 -2.75 -19.87
N LEU B 96 16.25 -2.48 -18.67
CA LEU B 96 15.74 -1.17 -18.27
C LEU B 96 16.86 -0.33 -17.68
N SER B 97 17.89 -1.01 -17.19
CA SER B 97 19.04 -0.39 -16.56
C SER B 97 18.54 0.29 -15.28
N ALA B 98 17.82 -0.48 -14.47
CA ALA B 98 17.26 0.00 -13.22
C ALA B 98 17.17 -1.15 -12.24
N PHE B 99 17.03 -0.80 -10.96
CA PHE B 99 16.90 -1.76 -9.88
C PHE B 99 15.41 -1.96 -9.64
N VAL B 100 14.98 -3.21 -9.73
CA VAL B 100 13.57 -3.56 -9.80
C VAL B 100 13.19 -4.39 -8.57
N PHE B 101 12.00 -4.12 -8.06
CA PHE B 101 11.41 -4.84 -6.96
C PHE B 101 10.28 -5.70 -7.47
N GLY B 102 9.93 -6.72 -6.69
CA GLY B 102 8.76 -7.51 -6.96
C GLY B 102 7.52 -6.86 -6.40
N SER B 103 6.36 -7.39 -6.76
CA SER B 103 5.07 -6.83 -6.37
C SER B 103 4.68 -7.15 -4.92
N GLY B 104 5.50 -7.88 -4.19
CA GLY B 104 5.21 -8.20 -2.79
C GLY B 104 4.33 -9.42 -2.58
N THR B 105 4.64 -10.18 -1.54
CA THR B 105 3.84 -11.31 -1.11
C THR B 105 3.59 -11.16 0.37
N LYS B 106 2.33 -11.21 0.80
CA LYS B 106 2.03 -11.36 2.20
C LYS B 106 2.11 -12.83 2.55
N LEU B 107 3.00 -13.19 3.47
CA LEU B 107 3.04 -14.51 4.08
C LEU B 107 2.21 -14.49 5.37
N THR B 108 1.07 -15.16 5.35
CA THR B 108 0.24 -15.31 6.52
C THR B 108 0.64 -16.61 7.19
N VAL B 109 1.08 -16.54 8.45
CA VAL B 109 1.27 -17.75 9.26
C VAL B 109 -0.07 -18.06 9.91
N LEU B 110 -0.72 -19.14 9.47
CA LEU B 110 -2.12 -19.38 9.80
C LEU B 110 -2.37 -19.50 11.33
N GLY B 111 -3.26 -18.64 11.84
CA GLY B 111 -3.70 -18.69 13.24
C GLY B 111 -5.20 -18.85 13.45
N GLN B 112 -5.92 -19.26 12.41
CA GLN B 112 -7.38 -19.47 12.44
C GLN B 112 -7.84 -20.06 11.11
N PRO B 113 -9.07 -20.56 11.06
CA PRO B 113 -9.55 -21.11 9.78
C PRO B 113 -9.69 -20.03 8.72
N LYS B 114 -9.61 -20.44 7.45
CA LYS B 114 -9.82 -19.51 6.33
C LYS B 114 -11.26 -19.00 6.29
N SER B 115 -11.41 -17.71 5.94
CA SER B 115 -12.70 -17.00 6.06
C SER B 115 -12.93 -16.13 4.85
N SER B 116 -14.09 -16.33 4.21
CA SER B 116 -14.45 -15.62 3.01
C SER B 116 -15.02 -14.25 3.35
N PRO B 117 -14.73 -13.24 2.51
CA PRO B 117 -15.22 -11.88 2.82
C PRO B 117 -16.75 -11.73 2.78
N SER B 118 -17.24 -10.85 3.64
CA SER B 118 -18.62 -10.36 3.57
C SER B 118 -18.58 -9.03 2.84
N VAL B 119 -19.26 -8.95 1.71
CA VAL B 119 -19.32 -7.77 0.87
C VAL B 119 -20.68 -7.11 1.00
N THR B 120 -20.67 -5.79 1.18
CA THR B 120 -21.86 -4.95 1.03
C THR B 120 -21.53 -3.80 0.06
N LEU B 121 -22.46 -3.55 -0.87
CA LEU B 121 -22.31 -2.51 -1.90
C LEU B 121 -23.40 -1.45 -1.74
N PHE B 122 -23.00 -0.23 -1.35
CA PHE B 122 -23.94 0.90 -1.14
C PHE B 122 -23.98 1.83 -2.34
N PRO B 123 -25.18 2.33 -2.68
CA PRO B 123 -25.30 3.35 -3.72
C PRO B 123 -24.95 4.76 -3.19
N PRO B 124 -24.75 5.73 -4.11
CA PRO B 124 -24.40 7.08 -3.68
C PRO B 124 -25.59 7.74 -3.05
N SER B 125 -25.36 8.56 -2.02
CA SER B 125 -26.41 9.36 -1.41
C SER B 125 -26.93 10.38 -2.42
N SER B 126 -28.16 10.84 -2.21
CA SER B 126 -28.70 11.96 -3.01
C SER B 126 -28.03 13.30 -2.60
N GLU B 127 -27.59 13.40 -1.34
CA GLU B 127 -26.82 14.56 -0.87
C GLU B 127 -25.58 14.72 -1.71
N GLU B 128 -24.83 13.64 -1.87
CA GLU B 128 -23.61 13.65 -2.66
C GLU B 128 -23.89 13.95 -4.13
N LEU B 129 -25.01 13.45 -4.62
CA LEU B 129 -25.42 13.68 -6.00
C LEU B 129 -25.62 15.16 -6.33
N GLU B 130 -26.01 15.97 -5.33
CA GLU B 130 -26.08 17.43 -5.47
C GLU B 130 -24.72 18.14 -5.66
N THR B 131 -23.60 17.45 -5.43
CA THR B 131 -22.27 17.94 -5.80
C THR B 131 -21.87 17.59 -7.23
N ASN B 132 -22.75 16.89 -7.95
CA ASN B 132 -22.45 16.25 -9.25
C ASN B 132 -21.26 15.31 -9.14
N LYS B 133 -21.34 14.49 -8.09
CA LYS B 133 -20.39 13.43 -7.79
C LYS B 133 -21.20 12.24 -7.25
N ALA B 134 -20.80 11.03 -7.64
CA ALA B 134 -21.46 9.82 -7.19
C ALA B 134 -20.39 8.86 -6.72
N THR B 135 -20.45 8.46 -5.45
CA THR B 135 -19.52 7.46 -4.90
C THR B 135 -20.29 6.21 -4.46
N LEU B 136 -19.92 5.09 -5.06
CA LEU B 136 -20.40 3.78 -4.62
C LEU B 136 -19.36 3.19 -3.67
N VAL B 137 -19.83 2.56 -2.60
CA VAL B 137 -18.94 2.08 -1.55
C VAL B 137 -19.10 0.58 -1.40
N CYS B 138 -17.99 -0.14 -1.52
CA CYS B 138 -17.98 -1.58 -1.34
C CYS B 138 -17.22 -1.92 -0.05
N THR B 139 -17.95 -2.28 1.00
CA THR B 139 -17.33 -2.73 2.26
C THR B 139 -17.05 -4.23 2.19
N ILE B 140 -15.94 -4.64 2.77
CA ILE B 140 -15.45 -6.02 2.70
C ILE B 140 -14.98 -6.34 4.10
N THR B 141 -15.67 -7.26 4.78
CA THR B 141 -15.34 -7.58 6.17
C THR B 141 -15.18 -9.07 6.40
N ASP B 142 -14.61 -9.39 7.56
CA ASP B 142 -14.53 -10.76 8.07
C ASP B 142 -13.75 -11.73 7.18
N PHE B 143 -12.65 -11.27 6.58
CA PHE B 143 -11.85 -12.17 5.75
C PHE B 143 -10.50 -12.51 6.35
N TYR B 144 -10.07 -13.75 6.07
CA TYR B 144 -8.78 -14.25 6.52
C TYR B 144 -8.39 -15.37 5.57
N PRO B 145 -7.16 -15.38 5.05
CA PRO B 145 -6.13 -14.36 5.30
C PRO B 145 -6.50 -12.97 4.77
N GLY B 146 -5.71 -11.97 5.14
CA GLY B 146 -6.01 -10.58 4.86
C GLY B 146 -5.49 -10.10 3.51
N VAL B 147 -5.79 -10.82 2.43
CA VAL B 147 -5.42 -10.40 1.08
C VAL B 147 -6.59 -10.62 0.13
N VAL B 148 -7.04 -9.53 -0.48
CA VAL B 148 -8.08 -9.57 -1.50
C VAL B 148 -7.63 -8.80 -2.71
N THR B 149 -8.28 -9.09 -3.82
CA THR B 149 -8.15 -8.33 -5.06
C THR B 149 -9.55 -7.83 -5.30
N VAL B 150 -9.69 -6.54 -5.62
CA VAL B 150 -10.99 -5.93 -5.85
C VAL B 150 -11.04 -5.43 -7.26
N ASP B 151 -12.04 -5.91 -7.99
CA ASP B 151 -12.29 -5.51 -9.37
C ASP B 151 -13.72 -5.02 -9.51
N TRP B 152 -13.89 -3.98 -10.31
CA TRP B 152 -15.18 -3.35 -10.51
C TRP B 152 -15.55 -3.50 -11.98
N LYS B 153 -16.84 -3.65 -12.25
CA LYS B 153 -17.36 -3.55 -13.63
C LYS B 153 -18.60 -2.65 -13.70
N VAL B 154 -18.62 -1.85 -14.76
CA VAL B 154 -19.75 -1.00 -15.14
C VAL B 154 -20.25 -1.54 -16.48
N ASP B 155 -21.50 -2.03 -16.51
CA ASP B 155 -22.08 -2.63 -17.73
C ASP B 155 -21.15 -3.71 -18.31
N GLY B 156 -20.65 -4.57 -17.42
CA GLY B 156 -19.76 -5.67 -17.80
C GLY B 156 -18.32 -5.32 -18.17
N THR B 157 -17.96 -4.03 -18.10
CA THR B 157 -16.64 -3.54 -18.52
C THR B 157 -15.75 -3.28 -17.29
N PRO B 158 -14.58 -3.99 -17.18
CA PRO B 158 -13.58 -3.70 -16.14
C PRO B 158 -13.25 -2.21 -16.04
N VAL B 159 -13.30 -1.68 -14.83
CA VAL B 159 -13.11 -0.26 -14.59
C VAL B 159 -11.61 0.01 -14.43
N THR B 160 -11.06 0.88 -15.27
CA THR B 160 -9.61 1.13 -15.28
C THR B 160 -9.18 2.44 -14.62
N GLN B 161 -10.14 3.24 -14.17
CA GLN B 161 -9.85 4.38 -13.31
C GLN B 161 -11.09 4.85 -12.53
N GLY B 162 -10.87 5.72 -11.55
CA GLY B 162 -11.90 6.18 -10.64
C GLY B 162 -12.22 5.22 -9.51
N MET B 163 -11.34 4.22 -9.32
CA MET B 163 -11.54 3.17 -8.32
C MET B 163 -10.26 3.01 -7.50
N GLU B 164 -10.41 3.00 -6.18
CA GLU B 164 -9.30 2.77 -5.29
C GLU B 164 -9.82 2.00 -4.11
N THR B 165 -8.93 1.21 -3.52
CA THR B 165 -9.25 0.22 -2.50
C THR B 165 -8.26 0.37 -1.32
N THR B 166 -8.77 0.33 -0.09
CA THR B 166 -7.91 0.51 1.10
C THR B 166 -7.01 -0.70 1.26
N GLN B 167 -5.85 -0.53 1.90
CA GLN B 167 -5.09 -1.71 2.31
C GLN B 167 -5.92 -2.47 3.38
N PRO B 168 -5.79 -3.81 3.45
CA PRO B 168 -6.49 -4.58 4.49
C PRO B 168 -6.09 -4.23 5.93
N SER B 169 -7.08 -4.12 6.82
CA SER B 169 -6.90 -3.67 8.19
C SER B 169 -7.45 -4.69 9.18
N LYS B 170 -6.76 -4.86 10.31
CA LYS B 170 -7.11 -5.89 11.28
C LYS B 170 -8.33 -5.47 12.09
N GLN B 171 -9.36 -6.30 12.06
CA GLN B 171 -10.54 -6.14 12.89
C GLN B 171 -10.24 -6.50 14.35
N SER B 172 -11.20 -6.26 15.23
CA SER B 172 -11.04 -6.60 16.65
C SER B 172 -11.13 -8.11 16.87
N ASN B 173 -12.00 -8.79 16.12
CA ASN B 173 -12.02 -10.26 16.10
C ASN B 173 -10.81 -10.94 15.43
N ASN B 174 -9.88 -10.15 14.88
CA ASN B 174 -8.58 -10.61 14.30
C ASN B 174 -8.68 -11.14 12.85
N LYS B 175 -9.87 -11.11 12.26
CA LYS B 175 -10.04 -11.20 10.81
C LYS B 175 -9.75 -9.81 10.18
N TYR B 176 -9.85 -9.71 8.86
CA TYR B 176 -9.51 -8.46 8.16
C TYR B 176 -10.68 -7.80 7.47
N MET B 177 -10.59 -6.49 7.33
CA MET B 177 -11.60 -5.69 6.63
C MET B 177 -10.95 -4.79 5.60
N ALA B 178 -11.72 -4.40 4.59
CA ALA B 178 -11.30 -3.32 3.69
C ALA B 178 -12.50 -2.72 2.98
N SER B 179 -12.31 -1.56 2.39
CA SER B 179 -13.39 -0.91 1.63
C SER B 179 -12.85 -0.47 0.27
N SER B 180 -13.77 -0.31 -0.69
CA SER B 180 -13.42 0.14 -2.04
C SER B 180 -14.40 1.19 -2.55
N TYR B 181 -13.88 2.10 -3.35
CA TYR B 181 -14.60 3.32 -3.72
C TYR B 181 -14.48 3.54 -5.21
N LEU B 182 -15.63 3.52 -5.88
CA LEU B 182 -15.75 3.92 -7.27
C LEU B 182 -16.41 5.30 -7.30
N THR B 183 -15.64 6.31 -7.71
CA THR B 183 -16.15 7.68 -7.81
C THR B 183 -16.41 8.00 -9.29
N LEU B 184 -17.64 8.43 -9.58
CA LEU B 184 -18.07 8.89 -10.91
C LEU B 184 -18.66 10.28 -10.80
N THR B 185 -18.91 10.91 -11.95
CA THR B 185 -19.80 12.07 -11.99
C THR B 185 -21.27 11.62 -11.89
N ALA B 186 -22.14 12.54 -11.48
CA ALA B 186 -23.56 12.24 -11.34
C ALA B 186 -24.21 11.94 -12.69
N ARG B 187 -23.73 12.60 -13.74
CA ARG B 187 -24.17 12.28 -15.10
C ARG B 187 -23.91 10.82 -15.47
N ALA B 188 -22.70 10.33 -15.19
CA ALA B 188 -22.35 8.92 -15.44
C ALA B 188 -23.26 7.94 -14.68
N TRP B 189 -23.52 8.24 -13.42
CA TRP B 189 -24.44 7.43 -12.60
C TRP B 189 -25.82 7.22 -13.28
N GLU B 190 -26.32 8.26 -13.94
CA GLU B 190 -27.60 8.17 -14.67
C GLU B 190 -27.47 7.38 -15.99
N ARG B 191 -26.39 7.63 -16.74
CA ARG B 191 -26.08 6.91 -18.01
C ARG B 191 -26.02 5.39 -17.87
N HIS B 192 -25.08 4.89 -17.05
CA HIS B 192 -24.89 3.45 -16.84
C HIS B 192 -26.01 2.87 -15.96
N SER B 193 -26.20 1.55 -16.04
CA SER B 193 -27.31 0.87 -15.36
C SER B 193 -26.95 -0.27 -14.41
N SER B 194 -25.79 -0.90 -14.61
CA SER B 194 -25.33 -2.02 -13.79
C SER B 194 -23.94 -1.74 -13.28
N TYR B 195 -23.74 -2.00 -12.00
CA TYR B 195 -22.45 -1.88 -11.33
C TYR B 195 -22.18 -3.15 -10.52
N SER B 196 -20.96 -3.67 -10.63
CA SER B 196 -20.54 -4.81 -9.82
C SER B 196 -19.21 -4.52 -9.10
N CYS B 197 -19.18 -4.88 -7.82
CA CYS B 197 -17.93 -4.97 -7.04
C CYS B 197 -17.57 -6.46 -6.86
N GLN B 198 -16.38 -6.85 -7.33
CA GLN B 198 -15.92 -8.23 -7.32
C GLN B 198 -14.73 -8.36 -6.41
N VAL B 199 -14.88 -9.16 -5.35
CA VAL B 199 -13.82 -9.34 -4.38
C VAL B 199 -13.31 -10.76 -4.49
N THR B 200 -12.04 -10.92 -4.91
CA THR B 200 -11.42 -12.23 -5.01
C THR B 200 -10.55 -12.47 -3.76
N HIS B 201 -10.79 -13.62 -3.12
CA HIS B 201 -10.12 -14.02 -1.87
C HIS B 201 -9.76 -15.51 -1.97
N GLU B 202 -8.47 -15.82 -1.88
CA GLU B 202 -7.96 -17.19 -2.02
C GLU B 202 -8.44 -17.90 -3.31
N GLY B 203 -8.52 -17.16 -4.42
CA GLY B 203 -8.96 -17.71 -5.71
C GLY B 203 -10.45 -17.62 -6.03
N HIS B 204 -11.31 -17.69 -5.01
CA HIS B 204 -12.77 -17.56 -5.18
C HIS B 204 -13.25 -16.10 -5.06
N THR B 205 -14.09 -15.68 -6.02
CA THR B 205 -14.56 -14.30 -6.07
C THR B 205 -15.99 -14.23 -5.50
N VAL B 206 -16.23 -13.23 -4.65
CA VAL B 206 -17.55 -12.91 -4.14
C VAL B 206 -17.89 -11.58 -4.78
N GLU B 207 -19.12 -11.48 -5.31
CA GLU B 207 -19.58 -10.33 -6.10
C GLU B 207 -20.90 -9.78 -5.54
N LYS B 208 -20.98 -8.47 -5.40
CA LYS B 208 -22.26 -7.79 -5.21
C LYS B 208 -22.42 -6.82 -6.36
N SER B 209 -23.66 -6.73 -6.83
CA SER B 209 -24.02 -5.83 -7.90
C SER B 209 -25.21 -5.01 -7.48
N LEU B 210 -25.49 -4.00 -8.29
CA LEU B 210 -26.53 -3.03 -8.02
C LEU B 210 -26.95 -2.40 -9.36
N SER B 211 -28.25 -2.47 -9.68
CA SER B 211 -28.77 -1.87 -10.91
C SER B 211 -29.36 -0.52 -10.57
N ARG B 212 -29.16 0.44 -11.48
CA ARG B 212 -29.64 1.82 -11.32
C ARG B 212 -31.15 1.86 -11.09
N ALA B 213 -31.91 1.32 -12.05
CA ALA B 213 -33.37 1.21 -11.92
C ALA B 213 -33.72 0.09 -10.94
N ASP B 214 -33.83 0.42 -9.66
CA ASP B 214 -34.28 -0.53 -8.62
C ASP B 214 -34.91 0.20 -7.42
N GLU C 5 32.80 -4.52 -10.75
CA GLU C 5 33.22 -3.12 -10.42
C GLU C 5 32.32 -2.65 -9.29
N PRO C 6 32.84 -2.52 -8.04
CA PRO C 6 31.99 -2.03 -6.94
C PRO C 6 31.63 -0.53 -7.07
N GLY C 7 32.37 0.22 -7.92
CA GLY C 7 32.07 1.61 -8.27
C GLY C 7 30.89 1.83 -9.23
N GLU C 8 30.40 0.76 -9.84
CA GLU C 8 29.18 0.76 -10.63
C GLU C 8 28.16 -0.19 -9.94
C CIR C 9 25.42 -1.77 -11.74
O CIR C 9 25.42 -1.07 -12.76
CA CIR C 9 25.74 -1.15 -10.40
N CIR C 9 26.97 -0.37 -10.56
C3 CIR C 9 24.56 -0.37 -9.82
C4 CIR C 9 24.85 0.11 -8.41
C5 CIR C 9 23.65 0.82 -7.82
N6 CIR C 9 22.65 -0.17 -7.45
C7 CIR C 9 21.47 0.15 -6.94
O7 CIR C 9 21.15 1.31 -6.76
N8 CIR C 9 20.65 -0.85 -6.64
N GLY C 10 25.21 -3.07 -11.74
CA GLY C 10 24.89 -3.79 -12.94
C GLY C 10 24.60 -5.26 -12.71
N LEU C 11 24.77 -6.03 -13.78
CA LEU C 11 24.48 -7.46 -13.85
C LEU C 11 25.67 -8.32 -13.46
N LYS C 12 25.42 -9.62 -13.26
CA LYS C 12 26.47 -10.61 -12.97
C LYS C 12 27.53 -10.71 -14.07
N GLY C 13 28.73 -11.18 -13.69
CA GLY C 13 29.83 -11.42 -14.62
C GLY C 13 29.99 -12.91 -14.91
#